data_9QEI
#
_entry.id   9QEI
#
_cell.length_a   83.929
_cell.length_b   83.929
_cell.length_c   147.289
_cell.angle_alpha   90.000
_cell.angle_beta   90.000
_cell.angle_gamma   90.000
#
_symmetry.space_group_name_H-M   'P 41 21 2'
#
loop_
_entity.id
_entity.type
_entity.pdbx_description
1 polymer 'Lysine--tRNA ligase 1'
2 non-polymer LYSINE
3 non-polymer 2-azanyl-4-ethoxy-6-[(1~{R},2~{S})-2-oxidanylcyclohexyl]-7~{H}-pyrrolo[3,4-d]pyrimidin-5-one
4 water water
#
_entity_poly.entity_id   1
_entity_poly.type   'polypeptide(L)'
_entity_poly.pdbx_seq_one_letter_code
;MGSSHHHHHHSSGENLYFQGHMSAADTAEDLPEQFRIRRDKRARLLAQGRDPYPVAVPRTHTLAEVRAAHPDLPIDTATE
DIVGVAGRVIFARNSGKLCFATLQDGDGTQLQVMISLDKVGQAALDAWKADVDLGDIVYVHGAVISSRRGELSVLADCWR
IAAKSLRPLPVAHKEMSEESRVRQRYVDLIVRPEARAVARLRIAVVRAIRTALQRRGFLEVETPVLQTLAGGAAARPFAT
HSNALDIDLYLRIAPELFLKRCIVGGFDKVFELNRVFRNEGADSTHSPEFSMLETYQTYGTYDDSAVVTRELIQEVADEA
IGTRQLPLPDGSVYDIDGEWATIQMYPSLSVALGEEITPQTTVDRLRGIADSLGLEKDPAIHDNRGFGHGKLIEELWERT
VGKSLSAPTFVKDFPVQTTPLTRQHRSIPGVTEKWDLYLRGIELATGYSELSDPVVQRERFADQARAAAAGDDEAMVLDE
DFLAALEYGMPPCTGTGMGIDRLLMSLTGLSIRETVLFPIVRPHSN
;
_entity_poly.pdbx_strand_id   A
#
loop_
_chem_comp.id
_chem_comp.type
_chem_comp.name
_chem_comp.formula
A1I62 non-polymer 2-azanyl-4-ethoxy-6-[(1~{R},2~{S})-2-oxidanylcyclohexyl]-7~{H}-pyrrolo[3,4-d]pyrimidin-5-one 'C14 H20 N4 O3'
#
# COMPACT_ATOMS: atom_id res chain seq x y z
N PRO A 32 -31.98 10.05 8.36
CA PRO A 32 -32.82 8.92 7.99
C PRO A 32 -34.02 9.33 7.13
N GLU A 33 -34.74 10.35 7.61
CA GLU A 33 -35.92 10.88 6.94
C GLU A 33 -35.47 11.76 5.77
N GLN A 34 -34.62 12.75 6.06
CA GLN A 34 -34.15 13.74 5.09
C GLN A 34 -33.50 13.10 3.86
N PHE A 35 -33.34 11.77 3.89
CA PHE A 35 -33.10 11.00 2.68
C PHE A 35 -34.14 11.39 1.64
N ARG A 36 -35.41 11.27 2.03
CA ARG A 36 -36.55 11.38 1.13
C ARG A 36 -36.67 12.79 0.58
N ILE A 37 -36.42 13.78 1.45
CA ILE A 37 -36.54 15.20 1.10
C ILE A 37 -35.61 15.50 -0.07
N ARG A 38 -34.42 14.89 -0.06
CA ARG A 38 -33.43 15.13 -1.10
C ARG A 38 -33.91 14.55 -2.44
N ARG A 39 -34.56 13.37 -2.40
CA ARG A 39 -35.16 12.76 -3.57
C ARG A 39 -36.26 13.65 -4.14
N ASP A 40 -37.12 14.19 -3.26
CA ASP A 40 -38.10 15.20 -3.65
C ASP A 40 -37.43 16.30 -4.46
N LYS A 41 -36.39 16.89 -3.87
CA LYS A 41 -35.66 18.01 -4.47
C LYS A 41 -35.06 17.65 -5.82
N ARG A 42 -34.83 16.35 -6.07
CA ARG A 42 -34.26 15.92 -7.33
C ARG A 42 -35.35 15.88 -8.39
N ALA A 43 -36.42 15.12 -8.09
CA ALA A 43 -37.61 15.00 -8.94
C ALA A 43 -38.04 16.37 -9.46
N ARG A 44 -38.27 17.33 -8.55
CA ARG A 44 -38.88 18.60 -8.91
C ARG A 44 -37.84 19.53 -9.54
N LEU A 45 -36.73 18.96 -10.02
CA LEU A 45 -35.77 19.69 -10.85
C LEU A 45 -35.73 19.07 -12.25
N LEU A 46 -36.11 17.80 -12.36
CA LEU A 46 -36.28 17.13 -13.65
C LEU A 46 -37.53 17.65 -14.36
N ALA A 47 -38.68 17.54 -13.67
CA ALA A 47 -39.96 17.96 -14.19
C ALA A 47 -39.97 19.46 -14.48
N GLN A 48 -39.07 20.20 -13.80
CA GLN A 48 -38.86 21.62 -14.06
C GLN A 48 -37.81 21.84 -15.15
N GLY A 49 -37.09 20.78 -15.54
CA GLY A 49 -36.27 20.80 -16.73
C GLY A 49 -34.88 21.41 -16.50
N ARG A 50 -34.60 21.82 -15.26
CA ARG A 50 -33.24 22.11 -14.83
C ARG A 50 -32.56 20.75 -14.63
N ASP A 51 -31.23 20.68 -14.75
CA ASP A 51 -30.59 19.38 -14.69
C ASP A 51 -29.74 19.27 -13.43
N PRO A 52 -30.01 18.26 -12.58
CA PRO A 52 -29.14 17.96 -11.43
C PRO A 52 -27.97 16.99 -11.63
N TYR A 53 -27.82 16.45 -12.84
CA TYR A 53 -26.70 15.59 -13.19
C TYR A 53 -26.22 15.98 -14.58
N PRO A 54 -25.88 17.28 -14.78
CA PRO A 54 -25.44 17.79 -16.08
C PRO A 54 -24.22 17.05 -16.62
N VAL A 55 -24.22 16.84 -17.95
CA VAL A 55 -23.13 16.15 -18.64
C VAL A 55 -21.82 16.90 -18.41
N ALA A 56 -21.90 18.23 -18.54
CA ALA A 56 -20.73 19.09 -18.57
C ALA A 56 -21.06 20.40 -17.89
N VAL A 57 -20.04 21.03 -17.32
CA VAL A 57 -20.21 22.27 -16.58
C VAL A 57 -18.85 22.98 -16.62
N PRO A 58 -18.73 24.16 -17.26
CA PRO A 58 -17.44 24.61 -17.77
C PRO A 58 -16.55 25.17 -16.67
N ARG A 59 -16.05 24.27 -15.82
CA ARG A 59 -15.05 24.61 -14.83
C ARG A 59 -13.78 25.08 -15.54
N THR A 60 -13.06 26.03 -14.92
CA THR A 60 -11.87 26.62 -15.52
C THR A 60 -10.65 26.44 -14.62
N HIS A 61 -10.87 26.31 -13.30
CA HIS A 61 -9.80 26.27 -12.31
C HIS A 61 -10.18 25.31 -11.18
N THR A 62 -9.16 24.72 -10.52
CA THR A 62 -9.37 24.00 -9.26
C THR A 62 -9.19 25.01 -8.13
N LEU A 63 -9.87 24.76 -7.00
CA LEU A 63 -9.81 25.69 -5.89
C LEU A 63 -8.35 25.94 -5.53
N ALA A 64 -7.55 24.86 -5.55
CA ALA A 64 -6.11 24.92 -5.40
C ALA A 64 -5.50 25.99 -6.30
N GLU A 65 -5.82 25.91 -7.61
CA GLU A 65 -5.24 26.78 -8.63
C GLU A 65 -5.57 28.23 -8.32
N VAL A 66 -6.78 28.48 -7.82
CA VAL A 66 -7.21 29.81 -7.40
C VAL A 66 -6.30 30.30 -6.28
N ARG A 67 -6.27 29.53 -5.18
CA ARG A 67 -5.44 29.83 -4.03
C ARG A 67 -4.02 30.16 -4.47
N ALA A 68 -3.42 29.23 -5.22
CA ALA A 68 -2.01 29.34 -5.60
C ALA A 68 -1.76 30.57 -6.48
N ALA A 69 -2.80 31.03 -7.18
CA ALA A 69 -2.69 32.23 -7.99
C ALA A 69 -2.81 33.48 -7.11
N HIS A 70 -3.69 33.44 -6.10
CA HIS A 70 -4.02 34.62 -5.31
C HIS A 70 -3.68 34.42 -3.83
N PRO A 71 -2.39 34.46 -3.46
CA PRO A 71 -1.99 34.29 -2.06
C PRO A 71 -2.49 35.45 -1.20
N ASP A 72 -1.70 36.53 -1.13
CA ASP A 72 -2.08 37.72 -0.40
C ASP A 72 -2.82 38.67 -1.34
N LEU A 73 -4.14 38.73 -1.16
CA LEU A 73 -4.96 39.78 -1.74
C LEU A 73 -5.41 40.68 -0.59
N PRO A 74 -5.25 42.03 -0.71
CA PRO A 74 -5.82 42.96 0.28
C PRO A 74 -7.26 42.58 0.67
N ILE A 75 -7.48 42.26 1.95
CA ILE A 75 -8.76 41.73 2.41
C ILE A 75 -9.85 42.79 2.19
N ASP A 76 -10.94 42.38 1.53
CA ASP A 76 -12.11 43.21 1.30
C ASP A 76 -11.83 44.22 0.18
N THR A 77 -10.84 43.90 -0.67
CA THR A 77 -10.63 44.52 -1.97
C THR A 77 -11.07 43.50 -3.03
N ALA A 78 -10.99 43.84 -4.32
CA ALA A 78 -11.47 42.98 -5.40
C ALA A 78 -10.46 42.87 -6.55
N THR A 79 -10.69 41.90 -7.45
CA THR A 79 -9.88 41.70 -8.66
C THR A 79 -10.74 41.14 -9.80
N GLU A 80 -10.42 41.55 -11.04
CA GLU A 80 -11.19 41.18 -12.22
C GLU A 80 -10.59 39.94 -12.89
N ASP A 81 -10.43 38.88 -12.09
CA ASP A 81 -10.21 37.55 -12.62
C ASP A 81 -11.52 36.77 -12.50
N ILE A 82 -12.27 36.74 -13.62
CA ILE A 82 -13.39 35.84 -13.77
C ILE A 82 -12.82 34.42 -13.81
N VAL A 83 -13.49 33.50 -13.12
CA VAL A 83 -13.19 32.07 -13.23
C VAL A 83 -14.48 31.30 -13.01
N GLY A 84 -14.43 30.02 -13.35
CA GLY A 84 -15.49 29.07 -13.06
C GLY A 84 -14.91 27.91 -12.26
N VAL A 85 -15.44 27.72 -11.06
CA VAL A 85 -14.90 26.73 -10.14
C VAL A 85 -16.05 25.86 -9.66
N ALA A 86 -15.72 24.59 -9.40
CA ALA A 86 -16.67 23.66 -8.82
C ALA A 86 -16.17 23.23 -7.46
N GLY A 87 -17.07 22.64 -6.68
CA GLY A 87 -16.77 22.25 -5.33
C GLY A 87 -17.97 21.57 -4.68
N ARG A 88 -17.77 21.23 -3.41
CA ARG A 88 -18.78 20.59 -2.59
C ARG A 88 -19.16 21.57 -1.49
N VAL A 89 -20.46 21.86 -1.38
CA VAL A 89 -20.93 22.77 -0.34
C VAL A 89 -21.02 21.96 0.94
N ILE A 90 -20.26 22.42 1.95
CA ILE A 90 -20.06 21.67 3.20
C ILE A 90 -20.45 22.55 4.40
N PHE A 91 -20.22 23.87 4.30
CA PHE A 91 -20.79 24.81 5.25
C PHE A 91 -21.79 25.69 4.51
N ALA A 92 -22.99 25.85 5.09
CA ALA A 92 -23.94 26.84 4.62
C ALA A 92 -24.28 27.83 5.74
N ARG A 93 -24.54 29.08 5.35
CA ARG A 93 -25.14 30.07 6.24
C ARG A 93 -26.05 30.98 5.41
N ASN A 94 -27.24 30.45 5.10
CA ASN A 94 -28.22 31.17 4.29
C ASN A 94 -28.88 32.22 5.18
N SER A 95 -28.96 33.47 4.72
CA SER A 95 -29.56 34.54 5.50
C SER A 95 -29.87 35.78 4.65
N GLY A 96 -31.12 35.87 4.18
CA GLY A 96 -31.70 37.12 3.69
C GLY A 96 -31.51 37.31 2.19
N LYS A 97 -30.80 38.39 1.82
CA LYS A 97 -30.40 38.67 0.46
C LYS A 97 -29.13 37.89 0.08
N LEU A 98 -28.42 37.33 1.10
CA LEU A 98 -27.10 36.75 0.89
C LEU A 98 -26.91 35.43 1.66
N CYS A 99 -26.52 34.39 0.90
CA CYS A 99 -26.11 33.12 1.44
C CYS A 99 -24.59 32.98 1.35
N PHE A 100 -23.99 32.35 2.38
CA PHE A 100 -22.57 32.05 2.41
C PHE A 100 -22.40 30.54 2.51
N ALA A 101 -21.37 30.00 1.85
CA ALA A 101 -21.13 28.57 1.93
C ALA A 101 -19.69 28.21 1.55
N THR A 102 -19.13 27.22 2.26
CA THR A 102 -17.79 26.73 1.99
C THR A 102 -17.87 25.71 0.86
N LEU A 103 -16.99 25.89 -0.13
CA LEU A 103 -16.79 24.90 -1.18
C LEU A 103 -15.47 24.20 -0.91
N GLN A 104 -15.49 22.87 -1.06
CA GLN A 104 -14.32 22.03 -0.84
C GLN A 104 -14.07 21.20 -2.10
N ASP A 105 -12.95 21.51 -2.80
CA ASP A 105 -12.43 20.67 -3.86
C ASP A 105 -12.32 19.27 -3.26
N GLY A 106 -12.26 18.25 -4.12
CA GLY A 106 -12.15 16.88 -3.63
C GLY A 106 -10.82 16.65 -2.91
N ASP A 107 -9.79 17.38 -3.36
CA ASP A 107 -8.44 17.28 -2.82
C ASP A 107 -8.39 17.89 -1.42
N GLY A 108 -9.43 18.64 -1.05
CA GLY A 108 -9.59 19.11 0.32
C GLY A 108 -9.60 20.64 0.39
N THR A 109 -9.14 21.30 -0.69
CA THR A 109 -8.90 22.74 -0.64
C THR A 109 -10.25 23.42 -0.51
N GLN A 110 -10.20 24.66 -0.02
CA GLN A 110 -11.41 25.33 0.41
C GLN A 110 -11.45 26.75 -0.14
N LEU A 111 -12.66 27.12 -0.55
CA LEU A 111 -12.97 28.47 -0.98
C LEU A 111 -14.46 28.63 -0.73
N GLN A 112 -14.83 29.76 -0.12
CA GLN A 112 -16.21 29.98 0.27
C GLN A 112 -16.89 30.75 -0.86
N VAL A 113 -18.22 30.94 -0.74
CA VAL A 113 -18.98 31.76 -1.67
C VAL A 113 -20.00 32.56 -0.86
N ASP A 118 -28.26 41.15 -6.45
CA ASP A 118 -27.18 42.13 -6.74
C ASP A 118 -26.27 41.61 -7.84
N LYS A 119 -25.93 40.32 -7.74
CA LYS A 119 -24.94 39.69 -8.61
C LYS A 119 -25.60 39.25 -9.92
N VAL A 120 -26.61 38.37 -9.82
CA VAL A 120 -27.54 38.07 -10.91
C VAL A 120 -28.74 37.35 -10.30
N GLY A 121 -29.86 38.06 -10.16
CA GLY A 121 -31.17 37.46 -9.99
C GLY A 121 -31.49 37.19 -8.52
N GLN A 122 -32.79 37.28 -8.19
CA GLN A 122 -33.30 36.84 -6.89
C GLN A 122 -33.70 35.37 -6.97
N ALA A 123 -34.45 35.00 -8.01
CA ALA A 123 -34.74 33.60 -8.29
C ALA A 123 -33.53 32.74 -7.94
N ALA A 124 -32.34 33.23 -8.34
CA ALA A 124 -31.06 32.70 -7.92
C ALA A 124 -31.07 32.32 -6.44
N LEU A 125 -31.36 33.30 -5.59
CA LEU A 125 -31.31 33.15 -4.13
C LEU A 125 -32.36 32.14 -3.65
N ASP A 126 -33.52 32.12 -4.32
CA ASP A 126 -34.62 31.28 -3.92
C ASP A 126 -34.28 29.82 -4.19
N ALA A 127 -33.77 29.54 -5.41
CA ALA A 127 -33.23 28.23 -5.75
C ALA A 127 -32.13 27.85 -4.77
N TRP A 128 -31.14 28.75 -4.63
CA TRP A 128 -30.07 28.55 -3.68
C TRP A 128 -30.61 28.12 -2.32
N LYS A 129 -31.57 28.89 -1.78
CA LYS A 129 -32.12 28.62 -0.46
C LYS A 129 -32.89 27.30 -0.49
N ALA A 130 -33.79 27.17 -1.46
CA ALA A 130 -34.74 26.06 -1.52
C ALA A 130 -34.09 24.77 -2.02
N ASP A 131 -33.16 24.87 -2.97
CA ASP A 131 -32.66 23.72 -3.72
C ASP A 131 -31.41 23.12 -3.09
N VAL A 132 -30.52 23.97 -2.55
CA VAL A 132 -29.19 23.57 -2.11
C VAL A 132 -29.19 22.98 -0.70
N ASP A 133 -28.61 21.78 -0.55
CA ASP A 133 -28.30 21.19 0.75
C ASP A 133 -26.78 20.97 0.81
N LEU A 134 -26.32 20.15 1.77
CA LEU A 134 -24.90 19.99 2.05
C LEU A 134 -24.41 18.62 1.59
N GLY A 135 -23.23 18.61 0.96
CA GLY A 135 -22.73 17.45 0.26
C GLY A 135 -23.03 17.54 -1.23
N ASP A 136 -23.68 18.65 -1.62
CA ASP A 136 -24.10 18.86 -2.99
C ASP A 136 -22.93 19.48 -3.77
N ILE A 137 -22.75 19.00 -5.00
CA ILE A 137 -21.67 19.46 -5.86
C ILE A 137 -22.20 20.65 -6.68
N VAL A 138 -21.43 21.74 -6.69
CA VAL A 138 -21.91 23.04 -7.14
C VAL A 138 -20.84 23.72 -8.01
N TYR A 139 -21.21 24.15 -9.22
CA TYR A 139 -20.36 25.02 -10.03
C TYR A 139 -20.74 26.48 -9.75
N VAL A 140 -19.76 27.37 -9.84
CA VAL A 140 -19.99 28.81 -9.70
C VAL A 140 -19.09 29.52 -10.72
N HIS A 141 -19.66 30.52 -11.41
CA HIS A 141 -18.88 31.39 -12.27
C HIS A 141 -18.75 32.73 -11.55
N GLY A 142 -17.72 33.51 -11.88
CA GLY A 142 -17.63 34.86 -11.35
C GLY A 142 -16.19 35.31 -11.17
N ALA A 143 -16.04 36.46 -10.51
CA ALA A 143 -14.75 37.02 -10.17
C ALA A 143 -14.48 36.80 -8.68
N VAL A 144 -13.19 36.87 -8.32
CA VAL A 144 -12.71 36.40 -7.02
C VAL A 144 -12.34 37.59 -6.15
N ILE A 145 -12.67 37.47 -4.84
CA ILE A 145 -12.58 38.59 -3.91
C ILE A 145 -12.18 38.10 -2.52
N SER A 146 -11.82 39.07 -1.68
CA SER A 146 -11.39 38.83 -0.31
C SER A 146 -12.50 39.24 0.67
N SER A 147 -12.72 38.38 1.67
CA SER A 147 -13.83 38.49 2.60
C SER A 147 -13.45 39.32 3.82
N ARG A 148 -14.33 40.24 4.23
CA ARG A 148 -14.16 41.02 5.45
C ARG A 148 -13.57 40.14 6.57
N LEU A 152 -11.17 34.49 1.46
CA LEU A 152 -11.13 34.33 -0.02
C LEU A 152 -12.34 33.51 -0.46
N SER A 153 -13.31 34.19 -1.06
CA SER A 153 -14.51 33.56 -1.59
C SER A 153 -14.64 33.93 -3.06
N VAL A 154 -15.81 33.65 -3.66
CA VAL A 154 -16.14 34.12 -4.99
C VAL A 154 -17.62 34.51 -5.01
N LEU A 155 -17.98 35.40 -5.95
CA LEU A 155 -19.36 35.80 -6.14
C LEU A 155 -19.78 35.62 -7.60
N ALA A 156 -21.09 35.36 -7.78
CA ALA A 156 -21.59 34.54 -8.87
C ALA A 156 -22.09 35.39 -10.05
N ASP A 157 -21.43 35.23 -11.21
CA ASP A 157 -22.06 35.48 -12.49
C ASP A 157 -23.22 34.50 -12.65
N CYS A 158 -22.85 33.22 -12.73
CA CYS A 158 -23.75 32.12 -12.96
C CYS A 158 -23.68 31.21 -11.74
N TRP A 159 -24.48 30.15 -11.72
CA TRP A 159 -24.24 29.01 -10.85
C TRP A 159 -25.25 27.91 -11.17
N ARG A 160 -24.90 26.67 -10.82
CA ARG A 160 -25.66 25.50 -11.22
C ARG A 160 -25.28 24.33 -10.31
N ILE A 161 -26.20 23.37 -10.14
CA ILE A 161 -25.86 22.10 -9.49
C ILE A 161 -25.18 21.19 -10.51
N ALA A 162 -24.11 20.53 -10.04
CA ALA A 162 -23.39 19.52 -10.80
C ALA A 162 -23.84 18.12 -10.36
N ALA A 163 -24.29 18.01 -9.11
CA ALA A 163 -24.90 16.79 -8.61
C ALA A 163 -25.56 17.03 -7.26
N LYS A 164 -26.70 16.35 -7.07
CA LYS A 164 -27.50 16.45 -5.86
C LYS A 164 -27.25 15.21 -5.00
N SER A 165 -26.77 15.43 -3.77
CA SER A 165 -26.58 14.33 -2.82
C SER A 165 -27.93 13.99 -2.21
N LEU A 166 -28.29 12.71 -2.28
CA LEU A 166 -29.50 12.20 -1.66
C LEU A 166 -29.12 11.49 -0.36
N ARG A 167 -28.00 11.92 0.22
CA ARG A 167 -27.49 11.40 1.48
C ARG A 167 -26.61 12.45 2.12
N PRO A 168 -27.01 13.03 3.27
CA PRO A 168 -26.21 14.05 3.92
C PRO A 168 -24.96 13.36 4.45
N LEU A 169 -23.85 14.09 4.43
CA LEU A 169 -22.62 13.64 5.07
C LEU A 169 -22.87 13.56 6.57
N PRO A 170 -22.39 12.52 7.29
CA PRO A 170 -22.40 12.55 8.74
C PRO A 170 -21.28 13.49 9.18
N VAL A 171 -21.45 14.12 10.35
CA VAL A 171 -20.47 15.07 10.85
C VAL A 171 -19.18 14.30 11.21
N GLU A 175 -19.21 11.46 13.85
CA GLU A 175 -18.06 10.52 13.84
C GLU A 175 -18.54 9.15 13.34
N MET A 176 -17.58 8.28 13.00
CA MET A 176 -17.86 6.96 12.45
C MET A 176 -16.78 5.96 12.90
N SER A 177 -17.18 4.69 13.07
CA SER A 177 -16.29 3.66 13.55
C SER A 177 -15.18 3.40 12.54
N GLU A 178 -13.96 3.17 13.02
CA GLU A 178 -12.85 2.85 12.14
C GLU A 178 -13.25 1.73 11.19
N GLU A 179 -14.28 0.94 11.55
CA GLU A 179 -14.77 -0.12 10.69
C GLU A 179 -15.81 0.44 9.69
N SER A 180 -16.80 1.19 10.17
CA SER A 180 -17.74 1.83 9.26
C SER A 180 -16.99 2.67 8.23
N ARG A 181 -15.94 3.36 8.68
CA ARG A 181 -15.07 4.21 7.86
C ARG A 181 -14.50 3.45 6.65
N VAL A 182 -13.99 2.25 6.90
CA VAL A 182 -13.29 1.48 5.89
C VAL A 182 -14.30 0.93 4.89
N ARG A 183 -15.54 0.73 5.35
CA ARG A 183 -16.60 0.17 4.54
C ARG A 183 -17.24 1.23 3.65
N GLN A 184 -16.96 2.50 3.92
CA GLN A 184 -17.44 3.60 3.11
C GLN A 184 -16.31 4.61 2.92
N ARG A 185 -15.22 4.17 2.26
CA ARG A 185 -14.03 4.99 2.13
C ARG A 185 -14.40 6.31 1.46
N TYR A 186 -15.35 6.23 0.51
CA TYR A 186 -15.80 7.39 -0.25
C TYR A 186 -16.23 8.53 0.67
N VAL A 187 -16.90 8.24 1.79
CA VAL A 187 -17.35 9.26 2.73
C VAL A 187 -16.17 9.72 3.57
N ASP A 188 -15.46 8.72 4.08
CA ASP A 188 -14.24 8.90 4.86
C ASP A 188 -13.44 9.99 4.16
N LEU A 189 -13.19 9.76 2.87
CA LEU A 189 -12.29 10.61 2.09
C LEU A 189 -12.82 12.03 2.04
N ILE A 190 -14.14 12.18 2.08
CA ILE A 190 -14.76 13.49 1.93
C ILE A 190 -14.66 14.26 3.24
N VAL A 191 -14.96 13.57 4.35
CA VAL A 191 -15.22 14.24 5.62
C VAL A 191 -13.96 14.25 6.50
N ARG A 192 -13.10 13.23 6.34
CA ARG A 192 -11.94 13.01 7.19
C ARG A 192 -10.67 13.30 6.41
N PRO A 193 -9.97 14.43 6.70
CA PRO A 193 -8.75 14.80 6.00
C PRO A 193 -7.70 13.69 5.92
N GLU A 194 -7.48 13.04 7.06
CA GLU A 194 -6.43 12.05 7.26
C GLU A 194 -6.58 10.93 6.22
N ALA A 195 -7.82 10.52 5.94
CA ALA A 195 -8.12 9.56 4.88
C ALA A 195 -7.48 10.00 3.57
N ARG A 196 -7.59 11.31 3.29
CA ARG A 196 -7.10 11.90 2.06
C ARG A 196 -5.58 11.71 1.92
N ALA A 197 -4.82 12.42 2.77
CA ALA A 197 -3.36 12.44 2.79
C ALA A 197 -2.72 11.06 2.62
N VAL A 198 -3.26 10.08 3.37
CA VAL A 198 -2.82 8.69 3.40
C VAL A 198 -2.97 8.04 2.03
N ALA A 199 -4.21 8.10 1.51
CA ALA A 199 -4.53 7.62 0.18
C ALA A 199 -3.51 8.16 -0.81
N ARG A 200 -3.24 9.47 -0.72
CA ARG A 200 -2.31 10.17 -1.59
C ARG A 200 -0.90 9.68 -1.33
N LEU A 201 -0.56 9.53 -0.04
CA LEU A 201 0.76 9.04 0.37
C LEU A 201 1.06 7.70 -0.29
N ARG A 202 0.21 6.71 0.00
CA ARG A 202 0.41 5.37 -0.52
C ARG A 202 0.78 5.41 -2.00
N ILE A 203 0.09 6.31 -2.72
CA ILE A 203 0.30 6.58 -4.13
C ILE A 203 1.68 7.20 -4.33
N ALA A 204 1.99 8.23 -3.53
CA ALA A 204 3.26 8.94 -3.66
C ALA A 204 4.41 7.96 -3.45
N VAL A 205 4.27 7.12 -2.41
CA VAL A 205 5.22 6.09 -2.07
C VAL A 205 5.45 5.18 -3.26
N VAL A 206 4.35 4.65 -3.80
CA VAL A 206 4.41 3.66 -4.85
C VAL A 206 5.05 4.25 -6.10
N ARG A 207 4.87 5.56 -6.32
CA ARG A 207 5.51 6.22 -7.44
C ARG A 207 7.01 6.31 -7.18
N ALA A 208 7.35 6.77 -5.97
CA ALA A 208 8.70 6.75 -5.41
C ALA A 208 9.45 5.44 -5.70
N ILE A 209 8.81 4.31 -5.37
CA ILE A 209 9.39 3.00 -5.57
C ILE A 209 9.75 2.82 -7.05
N ARG A 210 8.77 3.09 -7.92
CA ARG A 210 8.93 2.94 -9.36
C ARG A 210 10.03 3.89 -9.84
N THR A 211 10.01 5.13 -9.34
CA THR A 211 10.97 6.12 -9.77
C THR A 211 12.37 5.58 -9.50
N ALA A 212 12.54 5.00 -8.31
CA ALA A 212 13.84 4.57 -7.81
C ALA A 212 14.36 3.38 -8.61
N LEU A 213 13.57 2.31 -8.64
CA LEU A 213 13.94 1.12 -9.38
C LEU A 213 14.25 1.48 -10.83
N GLN A 214 13.43 2.34 -11.43
CA GLN A 214 13.62 2.69 -12.83
C GLN A 214 14.91 3.50 -12.98
N ARG A 215 15.22 4.35 -11.99
CA ARG A 215 16.46 5.10 -12.02
C ARG A 215 17.64 4.13 -12.03
N ARG A 216 17.48 2.95 -11.41
CA ARG A 216 18.56 1.98 -11.32
C ARG A 216 18.54 1.00 -12.51
N GLY A 217 17.74 1.28 -13.53
CA GLY A 217 17.70 0.46 -14.72
C GLY A 217 16.88 -0.82 -14.56
N PHE A 218 15.86 -0.79 -13.69
CA PHE A 218 14.92 -1.90 -13.59
C PHE A 218 13.76 -1.77 -14.57
N LEU A 219 13.25 -2.92 -15.00
CA LEU A 219 12.13 -3.03 -15.94
C LEU A 219 10.95 -3.70 -15.24
N GLU A 220 9.83 -2.98 -15.13
CA GLU A 220 8.66 -3.57 -14.51
C GLU A 220 8.09 -4.57 -15.50
N VAL A 221 7.76 -5.78 -15.03
CA VAL A 221 7.18 -6.79 -15.90
C VAL A 221 5.81 -7.16 -15.34
N GLU A 222 5.08 -7.95 -16.14
CA GLU A 222 3.77 -8.46 -15.78
C GLU A 222 3.80 -9.98 -15.98
N THR A 223 3.46 -10.73 -14.94
CA THR A 223 3.46 -12.18 -14.99
C THR A 223 2.12 -12.71 -14.50
N PRO A 224 1.77 -13.98 -14.82
CA PRO A 224 0.40 -14.48 -14.61
C PRO A 224 -0.06 -14.31 -13.18
N VAL A 225 -1.37 -14.28 -13.01
CA VAL A 225 -1.99 -14.33 -11.70
C VAL A 225 -2.69 -15.68 -11.59
N LEU A 226 -3.40 -16.06 -12.66
CA LEU A 226 -3.94 -17.39 -12.76
C LEU A 226 -2.79 -18.28 -13.24
N GLN A 227 -2.53 -19.34 -12.46
CA GLN A 227 -1.38 -20.22 -12.64
C GLN A 227 -1.87 -21.65 -12.46
N THR A 228 -1.28 -22.58 -13.21
CA THR A 228 -1.73 -23.96 -13.22
C THR A 228 -1.45 -24.58 -11.84
N LEU A 229 -0.28 -24.24 -11.27
CA LEU A 229 -0.04 -24.41 -9.84
C LEU A 229 0.71 -23.19 -9.34
N ALA A 230 0.42 -22.80 -8.09
CA ALA A 230 0.88 -21.55 -7.52
C ALA A 230 2.08 -21.79 -6.61
N GLY A 231 3.20 -21.12 -6.92
CA GLY A 231 4.44 -21.26 -6.18
C GLY A 231 4.98 -19.90 -5.77
N GLY A 232 6.19 -19.90 -5.21
CA GLY A 232 6.92 -18.69 -4.86
C GLY A 232 6.85 -18.34 -3.37
N ALA A 233 6.14 -19.14 -2.56
CA ALA A 233 6.03 -18.90 -1.14
C ALA A 233 5.26 -20.03 -0.47
N ALA A 234 5.26 -20.04 0.87
CA ALA A 234 4.49 -21.01 1.63
C ALA A 234 3.16 -20.39 2.06
N ALA A 235 2.11 -20.68 1.28
CA ALA A 235 0.76 -20.23 1.60
C ALA A 235 -0.25 -21.08 0.84
N ARG A 236 -1.47 -21.19 1.39
CA ARG A 236 -2.56 -21.85 0.69
C ARG A 236 -3.10 -20.92 -0.38
N PRO A 237 -3.18 -21.36 -1.66
CA PRO A 237 -3.79 -20.55 -2.71
C PRO A 237 -5.31 -20.51 -2.67
N PHE A 238 -5.86 -19.44 -3.26
CA PHE A 238 -7.24 -19.41 -3.72
C PHE A 238 -7.34 -20.15 -5.04
N ALA A 239 -8.34 -21.03 -5.13
CA ALA A 239 -8.58 -21.83 -6.31
C ALA A 239 -9.92 -21.45 -6.92
N THR A 240 -9.95 -21.47 -8.25
CA THR A 240 -11.11 -21.05 -9.00
C THR A 240 -11.25 -22.01 -10.19
N HIS A 241 -12.47 -22.08 -10.72
CA HIS A 241 -12.77 -22.97 -11.83
C HIS A 241 -12.79 -22.13 -13.10
N SER A 242 -12.19 -22.66 -14.16
CA SER A 242 -12.36 -22.14 -15.51
C SER A 242 -13.46 -22.90 -16.23
N ASN A 243 -14.36 -22.18 -16.90
CA ASN A 243 -15.37 -22.81 -17.73
C ASN A 243 -14.69 -23.35 -18.98
N ALA A 244 -13.70 -22.59 -19.48
CA ALA A 244 -13.10 -22.82 -20.77
C ALA A 244 -12.25 -24.09 -20.81
N LEU A 245 -11.57 -24.42 -19.71
CA LEU A 245 -10.60 -25.52 -19.71
C LEU A 245 -11.09 -26.68 -18.85
N ASP A 246 -12.31 -26.56 -18.33
CA ASP A 246 -12.89 -27.53 -17.39
C ASP A 246 -11.85 -27.91 -16.34
N ILE A 247 -11.12 -26.92 -15.80
CA ILE A 247 -10.08 -27.18 -14.83
C ILE A 247 -10.09 -26.11 -13.74
N ASP A 248 -9.38 -26.41 -12.64
CA ASP A 248 -9.14 -25.44 -11.59
C ASP A 248 -7.91 -24.58 -11.94
N LEU A 249 -7.78 -23.45 -11.25
CA LEU A 249 -6.67 -22.53 -11.43
C LEU A 249 -6.37 -21.85 -10.10
N TYR A 250 -5.19 -21.25 -10.00
CA TYR A 250 -4.69 -20.82 -8.71
C TYR A 250 -4.13 -19.40 -8.85
N LEU A 251 -4.70 -18.53 -8.01
CA LEU A 251 -4.27 -17.15 -7.89
C LEU A 251 -2.88 -17.14 -7.25
N ARG A 252 -2.01 -16.30 -7.81
CA ARG A 252 -0.61 -16.35 -7.45
C ARG A 252 -0.45 -15.87 -6.02
N ILE A 253 0.23 -16.72 -5.25
CA ILE A 253 0.76 -16.37 -3.93
C ILE A 253 2.05 -15.57 -4.12
N ALA A 254 2.78 -15.80 -5.22
CA ALA A 254 3.88 -14.92 -5.57
C ALA A 254 4.41 -15.12 -6.98
N PRO A 255 5.02 -14.05 -7.54
CA PRO A 255 5.65 -14.05 -8.87
C PRO A 255 7.04 -14.65 -9.10
N GLU A 256 7.74 -15.00 -8.02
CA GLU A 256 9.15 -15.35 -8.07
C GLU A 256 9.43 -16.36 -9.19
N LEU A 257 8.63 -17.42 -9.28
CA LEU A 257 8.94 -18.50 -10.21
C LEU A 257 8.95 -17.98 -11.65
N PHE A 258 8.07 -17.02 -11.95
CA PHE A 258 7.94 -16.48 -13.31
C PHE A 258 8.98 -15.40 -13.52
N LEU A 259 9.13 -14.56 -12.50
CA LEU A 259 10.18 -13.57 -12.48
C LEU A 259 11.55 -14.22 -12.66
N LYS A 260 11.74 -15.42 -12.11
CA LYS A 260 13.00 -16.12 -12.32
C LYS A 260 13.13 -16.51 -13.80
N ARG A 261 12.05 -17.08 -14.37
CA ARG A 261 12.01 -17.46 -15.77
C ARG A 261 12.38 -16.29 -16.67
N CYS A 262 12.15 -15.05 -16.20
CA CYS A 262 12.53 -13.85 -16.91
C CYS A 262 14.04 -13.66 -16.93
N ILE A 263 14.66 -13.87 -15.76
CA ILE A 263 16.10 -13.73 -15.59
C ILE A 263 16.80 -14.74 -16.49
N VAL A 264 16.30 -15.99 -16.46
CA VAL A 264 16.72 -17.02 -17.39
C VAL A 264 16.74 -16.39 -18.78
N GLY A 265 15.58 -15.85 -19.19
CA GLY A 265 15.34 -15.41 -20.55
C GLY A 265 16.19 -14.21 -20.97
N GLY A 266 16.88 -13.58 -20.01
CA GLY A 266 17.91 -12.61 -20.33
C GLY A 266 17.66 -11.25 -19.70
N PHE A 267 16.69 -11.20 -18.78
CA PHE A 267 16.49 -9.99 -18.00
C PHE A 267 17.66 -9.88 -17.04
N ASP A 268 18.34 -8.74 -17.16
CA ASP A 268 19.26 -8.23 -16.17
C ASP A 268 18.44 -7.92 -14.90
N LYS A 269 17.62 -6.86 -14.94
CA LYS A 269 17.01 -6.28 -13.74
C LYS A 269 15.50 -6.11 -13.87
N VAL A 270 14.72 -6.87 -13.08
CA VAL A 270 13.27 -6.89 -13.23
C VAL A 270 12.60 -6.71 -11.89
N PHE A 271 11.47 -6.00 -11.89
CA PHE A 271 10.57 -6.05 -10.75
C PHE A 271 9.14 -6.22 -11.25
N GLU A 272 8.23 -6.45 -10.31
CA GLU A 272 6.81 -6.54 -10.56
C GLU A 272 6.10 -6.13 -9.28
N LEU A 273 5.54 -4.92 -9.28
CA LEU A 273 4.79 -4.38 -8.16
C LEU A 273 3.31 -4.60 -8.44
N ASN A 274 2.63 -5.35 -7.56
CA ASN A 274 1.29 -5.82 -7.87
C ASN A 274 0.83 -6.80 -6.79
N ARG A 275 -0.32 -7.43 -7.04
CA ARG A 275 -1.08 -8.01 -5.95
C ARG A 275 -0.79 -9.50 -5.89
N VAL A 276 -0.80 -10.04 -4.66
CA VAL A 276 -0.69 -11.47 -4.47
C VAL A 276 -1.82 -11.90 -3.54
N PHE A 277 -2.12 -13.20 -3.57
CA PHE A 277 -3.27 -13.75 -2.88
C PHE A 277 -2.84 -15.00 -2.12
N ARG A 278 -2.96 -14.92 -0.78
CA ARG A 278 -2.56 -15.97 0.15
C ARG A 278 -3.77 -16.32 1.00
N ASN A 279 -4.19 -17.58 0.92
CA ASN A 279 -5.55 -17.94 1.30
C ASN A 279 -5.55 -18.40 2.74
N GLU A 280 -5.64 -17.44 3.65
CA GLU A 280 -5.24 -17.61 5.04
C GLU A 280 -5.78 -16.44 5.85
N GLY A 281 -5.41 -16.40 7.13
CA GLY A 281 -6.04 -15.52 8.10
C GLY A 281 -5.67 -14.05 7.92
N ALA A 282 -6.43 -13.20 8.61
CA ALA A 282 -6.14 -11.79 8.71
C ALA A 282 -5.73 -11.47 10.15
N ASP A 283 -4.86 -10.47 10.26
CA ASP A 283 -4.34 -9.97 11.52
C ASP A 283 -3.59 -8.67 11.20
N SER A 284 -3.17 -7.97 12.24
CA SER A 284 -2.49 -6.69 12.12
C SER A 284 -1.47 -6.64 10.98
N THR A 285 -0.82 -7.76 10.63
CA THR A 285 0.22 -7.76 9.61
C THR A 285 -0.17 -8.59 8.40
N HIS A 286 -1.29 -9.31 8.45
CA HIS A 286 -1.64 -10.29 7.43
C HIS A 286 -3.00 -9.95 6.84
N SER A 287 -3.12 -10.04 5.51
CA SER A 287 -4.40 -9.89 4.82
C SER A 287 -4.38 -10.64 3.48
N PRO A 288 -5.47 -11.35 3.10
CA PRO A 288 -5.39 -12.43 2.11
C PRO A 288 -5.04 -12.04 0.67
N GLU A 289 -5.36 -10.79 0.33
CA GLU A 289 -4.92 -10.19 -0.91
C GLU A 289 -4.14 -8.95 -0.52
N PHE A 290 -2.94 -8.78 -1.09
CA PHE A 290 -2.18 -7.57 -0.82
C PHE A 290 -1.16 -7.34 -1.93
N SER A 291 -0.61 -6.12 -1.91
CA SER A 291 0.31 -5.59 -2.90
C SER A 291 1.73 -5.78 -2.43
N MET A 292 2.60 -6.26 -3.34
CA MET A 292 3.91 -6.74 -2.99
C MET A 292 4.89 -6.36 -4.09
N LEU A 293 6.07 -5.86 -3.67
CA LEU A 293 7.20 -5.67 -4.56
C LEU A 293 8.03 -6.96 -4.54
N GLU A 294 8.54 -7.37 -5.71
CA GLU A 294 9.61 -8.34 -5.83
C GLU A 294 10.63 -7.71 -6.76
N THR A 295 11.89 -8.17 -6.67
CA THR A 295 12.98 -7.53 -7.38
C THR A 295 14.05 -8.57 -7.68
N TYR A 296 14.77 -8.43 -8.80
CA TYR A 296 15.79 -9.39 -9.15
C TYR A 296 16.91 -8.72 -9.94
N GLN A 297 18.14 -9.04 -9.56
CA GLN A 297 19.33 -8.37 -10.08
C GLN A 297 20.38 -9.44 -10.39
N THR A 298 20.72 -9.60 -11.66
CA THR A 298 21.79 -10.52 -12.05
C THR A 298 23.12 -9.96 -11.54
N TYR A 299 24.05 -10.87 -11.18
CA TYR A 299 25.40 -10.53 -10.75
C TYR A 299 25.34 -9.60 -9.53
N GLY A 300 24.93 -10.19 -8.41
CA GLY A 300 24.82 -9.53 -7.12
C GLY A 300 24.32 -10.53 -6.09
N THR A 301 24.51 -10.22 -4.80
CA THR A 301 24.23 -11.16 -3.72
C THR A 301 23.30 -10.48 -2.74
N TYR A 302 22.86 -11.26 -1.74
CA TYR A 302 21.99 -10.73 -0.71
C TYR A 302 22.69 -9.58 0.00
N ASP A 303 24.03 -9.52 -0.10
CA ASP A 303 24.77 -8.41 0.47
C ASP A 303 24.37 -7.12 -0.23
N ASP A 304 24.40 -7.16 -1.57
CA ASP A 304 24.09 -6.01 -2.42
C ASP A 304 22.63 -5.59 -2.30
N SER A 305 21.73 -6.59 -2.34
CA SER A 305 20.29 -6.35 -2.38
C SER A 305 19.82 -5.76 -1.05
N ALA A 306 20.51 -6.13 0.03
CA ALA A 306 20.22 -5.54 1.33
C ALA A 306 20.56 -4.05 1.28
N VAL A 307 21.59 -3.69 0.49
CA VAL A 307 22.01 -2.30 0.35
C VAL A 307 20.93 -1.54 -0.40
N VAL A 308 20.56 -2.05 -1.59
CA VAL A 308 19.52 -1.47 -2.42
C VAL A 308 18.29 -1.22 -1.55
N THR A 309 17.80 -2.30 -0.94
CA THR A 309 16.60 -2.26 -0.15
C THR A 309 16.65 -1.14 0.90
N ARG A 310 17.84 -0.89 1.46
CA ARG A 310 17.96 0.18 2.42
C ARG A 310 17.76 1.51 1.70
N GLU A 311 18.50 1.72 0.61
CA GLU A 311 18.47 2.99 -0.09
C GLU A 311 17.07 3.24 -0.63
N LEU A 312 16.49 2.19 -1.24
CA LEU A 312 15.14 2.20 -1.74
C LEU A 312 14.21 2.78 -0.67
N ILE A 313 14.14 2.12 0.49
CA ILE A 313 13.26 2.58 1.57
C ILE A 313 13.54 4.04 1.92
N GLN A 314 14.80 4.47 1.91
CA GLN A 314 15.16 5.78 2.42
C GLN A 314 14.72 6.85 1.41
N GLU A 315 15.03 6.61 0.13
CA GLU A 315 14.53 7.40 -0.98
C GLU A 315 13.01 7.58 -0.90
N VAL A 316 12.26 6.49 -0.71
CA VAL A 316 10.81 6.55 -0.56
C VAL A 316 10.44 7.56 0.52
N ALA A 317 10.93 7.34 1.74
CA ALA A 317 10.68 8.26 2.84
C ALA A 317 10.87 9.69 2.34
N ASP A 318 12.04 9.97 1.77
CA ASP A 318 12.40 11.31 1.33
C ASP A 318 11.42 11.88 0.30
N GLU A 319 11.02 11.06 -0.68
CA GLU A 319 10.18 11.52 -1.78
C GLU A 319 8.76 11.76 -1.26
N ALA A 320 8.24 10.79 -0.49
CA ALA A 320 6.84 10.77 -0.11
C ALA A 320 6.59 11.35 1.29
N ILE A 321 7.65 11.58 2.10
CA ILE A 321 7.48 12.02 3.48
C ILE A 321 8.35 13.24 3.76
N GLY A 322 9.63 13.18 3.36
CA GLY A 322 10.50 14.35 3.37
C GLY A 322 11.45 14.37 4.57
N THR A 323 11.31 13.38 5.45
CA THR A 323 12.17 13.24 6.61
C THR A 323 12.50 11.76 6.77
N ARG A 324 13.66 11.46 7.37
CA ARG A 324 13.97 10.09 7.76
C ARG A 324 13.76 9.94 9.26
N GLN A 325 13.38 11.06 9.90
CA GLN A 325 13.02 11.10 11.30
C GLN A 325 11.50 11.06 11.38
N LEU A 326 10.97 9.83 11.43
CA LEU A 326 9.57 9.56 11.13
C LEU A 326 8.67 9.81 12.32
N PRO A 327 7.79 10.84 12.23
CA PRO A 327 6.83 11.14 13.30
C PRO A 327 5.78 10.03 13.39
N LEU A 328 5.15 9.92 14.57
CA LEU A 328 4.27 8.79 14.87
C LEU A 328 3.15 9.24 15.82
N PRO A 329 2.01 8.50 15.88
CA PRO A 329 0.91 8.88 16.77
C PRO A 329 1.29 8.73 18.24
N ASP A 330 2.47 8.15 18.48
CA ASP A 330 2.99 7.96 19.81
C ASP A 330 3.78 9.20 20.20
N GLY A 331 3.55 10.33 19.50
CA GLY A 331 4.34 11.54 19.68
C GLY A 331 5.80 11.36 19.26
N SER A 332 6.23 10.10 19.18
CA SER A 332 7.63 9.73 19.04
C SER A 332 8.13 9.92 17.62
N VAL A 333 9.42 9.63 17.41
CA VAL A 333 10.06 9.76 16.12
C VAL A 333 10.96 8.54 15.92
N TYR A 334 10.82 7.87 14.78
CA TYR A 334 11.62 6.70 14.50
C TYR A 334 12.68 7.09 13.48
N ASP A 335 13.96 6.91 13.83
CA ASP A 335 15.04 7.32 12.94
C ASP A 335 15.39 6.14 12.03
N ILE A 336 15.52 6.43 10.72
CA ILE A 336 15.82 5.40 9.73
C ILE A 336 16.97 5.86 8.83
N ASP A 337 17.62 6.97 9.18
CA ASP A 337 18.70 7.52 8.38
C ASP A 337 19.96 6.68 8.60
N GLY A 338 21.08 7.12 8.01
CA GLY A 338 22.36 6.44 8.15
C GLY A 338 22.22 4.92 7.98
N GLU A 339 23.14 4.17 8.61
CA GLU A 339 23.33 2.75 8.34
C GLU A 339 22.55 1.89 9.34
N TRP A 340 22.34 0.61 8.98
CA TRP A 340 21.48 -0.31 9.73
C TRP A 340 22.21 -1.61 10.03
N ALA A 341 21.92 -2.19 11.21
CA ALA A 341 22.67 -3.32 11.74
C ALA A 341 22.36 -4.58 10.94
N THR A 342 23.36 -5.47 10.87
CA THR A 342 23.21 -6.80 10.28
C THR A 342 23.74 -7.82 11.27
N ILE A 343 22.86 -8.75 11.68
CA ILE A 343 23.20 -9.82 12.61
C ILE A 343 22.91 -11.17 11.96
N GLN A 344 23.54 -12.24 12.44
CA GLN A 344 23.26 -13.59 11.96
C GLN A 344 22.25 -14.27 12.89
N MET A 345 21.49 -15.22 12.35
CA MET A 345 20.36 -15.81 13.05
C MET A 345 20.86 -16.68 14.20
N TYR A 346 21.70 -17.67 13.86
CA TYR A 346 22.26 -18.62 14.81
C TYR A 346 23.05 -17.90 15.91
N PRO A 347 24.13 -17.15 15.57
CA PRO A 347 24.82 -16.30 16.53
C PRO A 347 23.93 -15.49 17.47
N SER A 348 23.04 -14.68 16.88
CA SER A 348 22.27 -13.71 17.63
C SER A 348 21.36 -14.45 18.58
N LEU A 349 20.86 -15.61 18.13
CA LEU A 349 20.05 -16.49 18.96
C LEU A 349 20.89 -17.12 20.06
N SER A 350 22.10 -17.56 19.70
CA SER A 350 23.00 -18.19 20.67
C SER A 350 23.12 -17.29 21.89
N VAL A 351 23.55 -16.05 21.64
CA VAL A 351 23.73 -15.05 22.68
C VAL A 351 22.45 -14.90 23.50
N ALA A 352 21.31 -15.10 22.85
CA ALA A 352 20.04 -14.81 23.49
C ALA A 352 19.75 -15.89 24.54
N LEU A 353 20.11 -17.13 24.21
CA LEU A 353 19.83 -18.27 25.09
C LEU A 353 21.04 -18.62 25.95
N GLY A 354 22.12 -17.87 25.82
CA GLY A 354 23.32 -18.12 26.63
C GLY A 354 23.86 -19.52 26.38
N GLU A 355 23.98 -19.88 25.11
CA GLU A 355 24.23 -21.25 24.68
C GLU A 355 24.48 -21.25 23.19
N GLU A 356 25.40 -22.11 22.72
CA GLU A 356 25.69 -22.21 21.30
C GLU A 356 24.60 -23.00 20.60
N ILE A 357 24.02 -22.41 19.54
CA ILE A 357 23.05 -23.07 18.67
C ILE A 357 23.63 -23.08 17.26
N THR A 358 23.47 -24.19 16.53
CA THR A 358 23.97 -24.23 15.15
C THR A 358 23.06 -25.12 14.31
N PRO A 359 23.29 -25.14 12.97
CA PRO A 359 22.68 -26.13 12.09
C PRO A 359 22.65 -27.52 12.71
N GLN A 360 23.64 -27.78 13.58
CA GLN A 360 23.88 -29.10 14.16
C GLN A 360 22.84 -29.44 15.24
N THR A 361 22.40 -28.42 16.01
CA THR A 361 21.58 -28.58 17.20
C THR A 361 20.34 -29.42 16.92
N THR A 362 20.18 -30.56 17.64
CA THR A 362 19.04 -31.46 17.44
C THR A 362 17.71 -30.74 17.72
N VAL A 363 16.65 -31.35 17.17
CA VAL A 363 15.29 -30.92 17.39
C VAL A 363 14.91 -31.02 18.87
N ASP A 364 15.40 -32.07 19.53
CA ASP A 364 15.04 -32.36 20.91
C ASP A 364 15.52 -31.22 21.80
N ARG A 365 16.79 -30.84 21.64
CA ARG A 365 17.33 -29.71 22.41
C ARG A 365 16.44 -28.49 22.16
N LEU A 366 16.25 -28.15 20.88
CA LEU A 366 15.48 -26.97 20.50
C LEU A 366 14.10 -27.04 21.14
N ARG A 367 13.42 -28.15 20.86
CA ARG A 367 12.10 -28.42 21.42
C ARG A 367 12.12 -28.14 22.92
N GLY A 368 13.15 -28.66 23.60
CA GLY A 368 13.30 -28.48 25.04
C GLY A 368 13.43 -27.01 25.44
N ILE A 369 14.34 -26.29 24.78
CA ILE A 369 14.51 -24.86 25.04
C ILE A 369 13.19 -24.14 24.75
N ALA A 370 12.57 -24.53 23.63
CA ALA A 370 11.23 -24.08 23.28
C ALA A 370 10.29 -24.16 24.48
N ASP A 371 10.31 -25.30 25.18
CA ASP A 371 9.45 -25.51 26.34
C ASP A 371 9.87 -24.62 27.51
N SER A 372 11.19 -24.54 27.75
CA SER A 372 11.73 -23.77 28.86
C SER A 372 11.16 -22.36 28.88
N LEU A 373 10.82 -21.83 27.70
CA LEU A 373 10.24 -20.51 27.55
C LEU A 373 8.71 -20.61 27.56
N GLY A 374 8.12 -21.01 26.41
CA GLY A 374 6.68 -21.00 26.23
C GLY A 374 6.30 -20.97 24.76
N PHE A 387 7.34 -29.16 14.99
CA PHE A 387 7.66 -29.85 13.71
C PHE A 387 9.16 -30.09 13.61
N GLY A 388 9.89 -29.14 13.01
CA GLY A 388 11.24 -29.40 12.51
C GLY A 388 12.24 -28.32 12.93
N HIS A 389 13.53 -28.61 12.67
CA HIS A 389 14.66 -27.77 13.05
C HIS A 389 14.40 -26.31 12.70
N GLY A 390 14.42 -26.01 11.39
CA GLY A 390 14.28 -24.66 10.89
C GLY A 390 13.14 -23.91 11.57
N LYS A 391 11.99 -24.57 11.69
CA LYS A 391 10.79 -23.91 12.20
C LYS A 391 11.05 -23.46 13.64
N LEU A 392 11.84 -24.26 14.37
CA LEU A 392 12.12 -23.99 15.77
C LEU A 392 13.11 -22.83 15.89
N ILE A 393 14.11 -22.81 15.01
CA ILE A 393 15.16 -21.82 15.07
C ILE A 393 14.53 -20.44 14.86
N GLU A 394 13.66 -20.34 13.84
CA GLU A 394 13.05 -19.07 13.49
C GLU A 394 12.11 -18.66 14.62
N GLU A 395 11.29 -19.62 15.07
CA GLU A 395 10.39 -19.41 16.20
C GLU A 395 11.16 -18.85 17.39
N LEU A 396 12.19 -19.60 17.83
CA LEU A 396 13.05 -19.19 18.93
C LEU A 396 13.65 -17.82 18.63
N TRP A 397 14.20 -17.65 17.43
CA TRP A 397 14.84 -16.39 17.10
C TRP A 397 13.84 -15.25 17.23
N GLU A 398 12.71 -15.39 16.52
CA GLU A 398 11.65 -14.39 16.53
C GLU A 398 11.21 -14.17 17.97
N ARG A 399 10.96 -15.28 18.68
CA ARG A 399 10.38 -15.25 20.01
C ARG A 399 11.32 -14.56 21.00
N THR A 400 12.63 -14.54 20.72
CA THR A 400 13.62 -13.99 21.65
C THR A 400 14.21 -12.69 21.10
N VAL A 401 15.15 -12.80 20.16
CA VAL A 401 15.82 -11.66 19.55
C VAL A 401 14.86 -10.82 18.74
N GLY A 402 14.02 -11.48 17.91
CA GLY A 402 13.14 -10.78 16.99
C GLY A 402 12.39 -9.65 17.69
N LYS A 403 11.53 -10.04 18.63
CA LYS A 403 10.71 -9.13 19.42
C LYS A 403 11.50 -7.94 19.96
N SER A 404 12.72 -8.20 20.45
CA SER A 404 13.45 -7.24 21.25
C SER A 404 13.93 -6.02 20.48
N LEU A 405 13.92 -6.08 19.14
CA LEU A 405 14.57 -5.05 18.32
C LEU A 405 13.74 -3.79 18.29
N SER A 406 14.44 -2.64 18.25
CA SER A 406 13.84 -1.37 17.95
C SER A 406 14.34 -0.90 16.58
N ALA A 407 15.58 -0.39 16.53
CA ALA A 407 16.08 0.26 15.33
C ALA A 407 16.13 -0.72 14.14
N PRO A 408 16.31 -0.22 12.89
CA PRO A 408 16.27 -1.05 11.69
C PRO A 408 17.39 -2.06 11.56
N THR A 409 17.04 -3.31 11.26
CA THR A 409 18.00 -4.38 11.38
C THR A 409 17.71 -5.47 10.35
N PHE A 410 18.73 -5.84 9.58
CA PHE A 410 18.69 -7.08 8.83
C PHE A 410 19.21 -8.20 9.73
N VAL A 411 18.55 -9.35 9.65
CA VAL A 411 19.08 -10.63 10.08
C VAL A 411 19.45 -11.40 8.83
N LYS A 412 20.45 -12.28 8.89
CA LYS A 412 20.82 -13.06 7.74
C LYS A 412 21.24 -14.46 8.15
N ASP A 413 21.46 -15.33 7.13
CA ASP A 413 22.01 -16.65 7.31
C ASP A 413 20.97 -17.52 8.01
N PHE A 414 20.08 -18.09 7.20
CA PHE A 414 18.86 -18.69 7.72
C PHE A 414 18.97 -20.21 7.61
N PRO A 415 18.24 -20.96 8.45
CA PRO A 415 18.20 -22.41 8.35
C PRO A 415 17.70 -22.80 6.95
N VAL A 416 18.50 -23.62 6.28
CA VAL A 416 18.18 -24.15 4.96
C VAL A 416 16.81 -24.82 4.97
N GLN A 417 16.49 -25.57 6.03
CA GLN A 417 15.23 -26.30 6.12
C GLN A 417 14.07 -25.46 5.60
N THR A 418 14.10 -24.13 5.82
CA THR A 418 12.95 -23.26 5.65
C THR A 418 13.24 -22.13 4.65
N THR A 419 14.09 -22.43 3.66
CA THR A 419 14.41 -21.47 2.62
C THR A 419 14.80 -22.25 1.37
N PRO A 420 13.88 -23.10 0.84
CA PRO A 420 14.18 -23.96 -0.31
C PRO A 420 14.58 -23.25 -1.61
N LEU A 421 14.27 -21.96 -1.73
CA LEU A 421 14.53 -21.24 -2.97
C LEU A 421 15.85 -20.48 -2.92
N THR A 422 16.44 -20.34 -1.73
CA THR A 422 17.62 -19.51 -1.62
C THR A 422 18.85 -20.40 -1.53
N ARG A 423 19.88 -19.97 -2.27
CA ARG A 423 21.18 -20.61 -2.34
C ARG A 423 21.71 -21.02 -0.97
N GLN A 424 22.49 -22.11 -0.95
CA GLN A 424 23.28 -22.47 0.22
C GLN A 424 24.38 -21.43 0.41
N HIS A 425 24.61 -21.03 1.68
CA HIS A 425 25.61 -20.03 2.05
C HIS A 425 26.97 -20.45 1.52
N ARG A 426 27.79 -19.45 1.16
CA ARG A 426 29.01 -19.68 0.41
C ARG A 426 30.06 -20.41 1.25
N SER A 427 30.29 -19.99 2.49
CA SER A 427 31.27 -20.63 3.36
C SER A 427 30.58 -21.45 4.46
N ILE A 428 29.67 -20.83 5.21
CA ILE A 428 29.05 -21.51 6.35
C ILE A 428 28.20 -22.69 5.87
N PRO A 429 28.36 -23.91 6.42
CA PRO A 429 27.42 -25.01 6.15
C PRO A 429 26.09 -24.87 6.86
N GLY A 430 25.07 -25.55 6.32
CA GLY A 430 23.78 -25.73 6.96
C GLY A 430 22.83 -24.53 6.82
N VAL A 431 23.26 -23.41 6.23
CA VAL A 431 22.41 -22.22 6.16
C VAL A 431 22.35 -21.67 4.74
N THR A 432 21.45 -20.69 4.53
CA THR A 432 21.29 -20.05 3.23
C THR A 432 21.54 -18.55 3.33
N GLU A 433 21.61 -17.91 2.16
CA GLU A 433 21.92 -16.50 2.05
C GLU A 433 20.66 -15.65 1.93
N LYS A 434 19.73 -15.80 2.87
CA LYS A 434 18.55 -14.95 2.98
C LYS A 434 18.71 -13.94 4.10
N TRP A 435 18.24 -12.70 3.87
CA TRP A 435 18.00 -11.80 4.99
C TRP A 435 16.50 -11.53 5.11
N ASP A 436 16.07 -11.26 6.34
CA ASP A 436 14.86 -10.52 6.63
C ASP A 436 15.28 -9.10 6.99
N LEU A 437 14.36 -8.13 6.89
CA LEU A 437 14.64 -6.77 7.35
C LEU A 437 13.52 -6.35 8.31
N TYR A 438 13.84 -6.22 9.60
CA TYR A 438 12.82 -5.86 10.58
C TYR A 438 12.90 -4.36 10.87
N LEU A 439 11.78 -3.67 10.60
CA LEU A 439 11.75 -2.22 10.64
C LEU A 439 10.62 -1.75 11.55
N ARG A 440 11.03 -1.05 12.63
CA ARG A 440 10.16 -0.66 13.73
C ARG A 440 9.30 -1.84 14.19
N GLY A 441 9.88 -3.04 14.19
CA GLY A 441 9.26 -4.22 14.77
C GLY A 441 8.32 -4.93 13.81
N ILE A 442 8.61 -4.82 12.50
CA ILE A 442 7.80 -5.42 11.46
C ILE A 442 8.68 -6.13 10.44
N GLU A 443 8.33 -7.37 10.10
CA GLU A 443 9.02 -8.07 9.03
C GLU A 443 8.57 -7.45 7.71
N LEU A 444 9.46 -6.67 7.10
CA LEU A 444 9.08 -5.87 5.94
C LEU A 444 9.57 -6.51 4.65
N ALA A 445 10.76 -7.11 4.66
CA ALA A 445 11.36 -7.55 3.41
C ALA A 445 12.36 -8.69 3.63
N THR A 446 12.51 -9.52 2.58
CA THR A 446 13.48 -10.60 2.57
C THR A 446 14.30 -10.48 1.28
N GLY A 447 15.61 -10.67 1.38
CA GLY A 447 16.46 -10.85 0.21
C GLY A 447 17.06 -12.26 0.18
N TYR A 448 17.45 -12.72 -1.01
CA TYR A 448 18.05 -14.03 -1.20
C TYR A 448 19.18 -13.86 -2.19
N SER A 449 20.33 -14.51 -1.95
CA SER A 449 21.16 -14.98 -3.03
C SER A 449 20.46 -16.22 -3.58
N GLU A 450 20.12 -16.19 -4.87
CA GLU A 450 19.07 -17.05 -5.40
C GLU A 450 19.64 -18.41 -5.76
N LEU A 451 18.92 -19.46 -5.38
CA LEU A 451 19.31 -20.81 -5.73
C LEU A 451 19.23 -20.97 -7.24
N SER A 452 20.37 -20.94 -7.93
CA SER A 452 20.36 -21.21 -9.36
C SER A 452 20.45 -22.71 -9.68
N ASP A 453 21.11 -23.55 -8.86
CA ASP A 453 21.27 -24.96 -9.18
C ASP A 453 19.92 -25.67 -9.29
N PRO A 454 19.65 -26.37 -10.41
CA PRO A 454 18.39 -27.12 -10.57
C PRO A 454 18.23 -28.39 -9.74
N VAL A 455 19.26 -29.24 -9.72
CA VAL A 455 19.13 -30.57 -9.14
C VAL A 455 19.00 -30.42 -7.63
N VAL A 456 19.81 -29.50 -7.07
CA VAL A 456 19.68 -29.10 -5.69
C VAL A 456 18.23 -28.70 -5.48
N GLN A 457 17.78 -27.79 -6.35
CA GLN A 457 16.47 -27.18 -6.25
C GLN A 457 15.39 -28.26 -6.32
N ARG A 458 15.55 -29.17 -7.27
CA ARG A 458 14.62 -30.28 -7.45
C ARG A 458 14.50 -31.05 -6.15
N GLU A 459 15.65 -31.39 -5.57
CA GLU A 459 15.73 -32.07 -4.29
C GLU A 459 15.00 -31.25 -3.24
N ARG A 460 15.38 -29.97 -3.11
CA ARG A 460 14.77 -29.05 -2.17
C ARG A 460 13.25 -29.29 -2.09
N PHE A 461 12.59 -29.51 -3.25
CA PHE A 461 11.14 -29.67 -3.31
C PHE A 461 10.71 -31.06 -2.86
N ALA A 462 11.35 -32.10 -3.39
CA ALA A 462 11.03 -33.48 -3.02
C ALA A 462 10.86 -33.60 -1.50
N ASP A 463 11.78 -32.97 -0.75
CA ASP A 463 11.74 -32.96 0.71
C ASP A 463 10.50 -32.22 1.21
N GLN A 464 10.28 -31.02 0.64
CA GLN A 464 9.12 -30.20 0.97
C GLN A 464 7.84 -30.97 0.69
N ALA A 465 7.85 -31.73 -0.41
CA ALA A 465 6.69 -32.40 -0.95
C ALA A 465 6.34 -33.60 -0.09
N ARG A 466 7.34 -34.46 0.19
CA ARG A 466 7.13 -35.57 1.11
C ARG A 466 6.64 -35.04 2.45
N ALA A 467 6.98 -33.79 2.77
CA ALA A 467 6.63 -33.17 4.04
C ALA A 467 5.13 -33.17 4.30
N ALA A 468 4.32 -32.94 3.25
CA ALA A 468 2.87 -32.85 3.40
C ALA A 468 2.16 -33.94 2.60
N ALA A 469 2.89 -35.00 2.23
CA ALA A 469 2.31 -36.13 1.50
C ALA A 469 1.34 -36.88 2.42
N ALA A 470 0.39 -37.59 1.81
CA ALA A 470 -0.52 -38.46 2.54
C ALA A 470 -0.69 -39.79 1.81
N GLY A 471 0.45 -40.39 1.42
CA GLY A 471 0.47 -41.63 0.67
C GLY A 471 1.63 -42.52 1.10
N VAL A 477 3.39 -33.74 -6.76
CA VAL A 477 3.54 -32.99 -8.05
C VAL A 477 4.41 -31.75 -7.84
N LEU A 478 5.47 -31.62 -8.64
CA LEU A 478 6.37 -30.48 -8.59
C LEU A 478 6.13 -29.58 -9.80
N ASP A 479 6.74 -28.39 -9.77
CA ASP A 479 6.66 -27.39 -10.82
C ASP A 479 7.73 -27.70 -11.88
N GLU A 480 7.53 -28.82 -12.58
CA GLU A 480 8.49 -29.34 -13.55
C GLU A 480 8.97 -28.26 -14.51
N ASP A 481 8.04 -27.37 -14.93
CA ASP A 481 8.38 -26.35 -15.90
C ASP A 481 9.40 -25.39 -15.29
N PHE A 482 9.15 -24.97 -14.05
CA PHE A 482 10.09 -24.13 -13.35
C PHE A 482 11.47 -24.79 -13.40
N LEU A 483 11.51 -26.09 -13.09
CA LEU A 483 12.78 -26.80 -12.99
C LEU A 483 13.41 -26.91 -14.37
N ALA A 484 12.58 -27.16 -15.39
CA ALA A 484 13.00 -27.09 -16.78
C ALA A 484 13.72 -25.77 -17.01
N ALA A 485 13.07 -24.68 -16.58
CA ALA A 485 13.58 -23.34 -16.76
C ALA A 485 15.01 -23.25 -16.24
N LEU A 486 15.20 -23.76 -15.02
CA LEU A 486 16.45 -23.62 -14.31
C LEU A 486 17.53 -24.43 -15.02
N GLU A 487 17.17 -25.61 -15.54
CA GLU A 487 18.18 -26.41 -16.20
C GLU A 487 18.47 -25.89 -17.60
N TYR A 488 18.10 -24.63 -17.90
CA TYR A 488 18.59 -23.98 -19.10
C TYR A 488 19.70 -23.01 -18.76
N GLY A 489 19.81 -22.67 -17.48
CA GLY A 489 20.80 -21.71 -17.01
C GLY A 489 20.13 -20.50 -16.37
N MET A 490 20.62 -20.10 -15.20
CA MET A 490 20.14 -18.88 -14.58
C MET A 490 21.30 -18.19 -13.89
N PRO A 491 21.75 -17.03 -14.39
CA PRO A 491 22.97 -16.41 -13.87
C PRO A 491 22.73 -16.06 -12.40
N PRO A 492 23.82 -15.90 -11.63
CA PRO A 492 23.71 -15.60 -10.21
C PRO A 492 22.93 -14.31 -10.02
N CYS A 493 22.02 -14.31 -9.04
CA CYS A 493 21.16 -13.16 -8.85
C CYS A 493 20.52 -13.19 -7.47
N THR A 494 19.97 -12.06 -7.06
CA THR A 494 19.44 -11.91 -5.71
C THR A 494 18.03 -11.33 -5.78
N GLY A 495 17.04 -12.12 -5.39
CA GLY A 495 15.67 -11.60 -5.29
C GLY A 495 15.45 -10.86 -3.98
N THR A 496 14.56 -9.86 -4.01
CA THR A 496 13.95 -9.31 -2.81
C THR A 496 12.45 -9.51 -2.92
N GLY A 497 11.79 -9.44 -1.76
CA GLY A 497 10.35 -9.25 -1.70
C GLY A 497 10.04 -8.24 -0.60
N MET A 498 9.06 -7.37 -0.84
CA MET A 498 8.70 -6.37 0.14
C MET A 498 7.18 -6.17 0.15
N GLY A 499 6.63 -5.96 1.37
CA GLY A 499 5.21 -5.76 1.59
C GLY A 499 4.88 -4.28 1.73
N ILE A 500 3.98 -3.84 0.86
CA ILE A 500 3.72 -2.42 0.61
C ILE A 500 2.92 -1.84 1.78
N ASP A 501 1.98 -2.59 2.33
CA ASP A 501 1.24 -2.12 3.49
C ASP A 501 2.15 -2.09 4.71
N ARG A 502 2.89 -3.19 4.92
CA ARG A 502 3.84 -3.23 6.02
C ARG A 502 4.81 -2.06 5.85
N LEU A 503 5.24 -1.79 4.61
CA LEU A 503 6.13 -0.67 4.35
C LEU A 503 5.54 0.62 4.89
N LEU A 504 4.26 0.86 4.64
CA LEU A 504 3.63 2.11 5.05
C LEU A 504 3.38 2.09 6.55
N MET A 505 2.79 0.98 6.99
CA MET A 505 2.58 0.66 8.39
C MET A 505 3.87 0.94 9.16
N SER A 506 4.97 0.35 8.70
CA SER A 506 6.26 0.53 9.35
C SER A 506 6.67 1.99 9.38
N LEU A 507 6.25 2.79 8.39
CA LEU A 507 6.71 4.17 8.26
C LEU A 507 5.85 5.14 9.08
N THR A 508 4.64 4.72 9.50
CA THR A 508 3.58 5.66 9.89
C THR A 508 2.94 5.27 11.22
N GLY A 509 2.74 3.96 11.42
CA GLY A 509 2.00 3.45 12.57
C GLY A 509 0.53 3.27 12.24
N LEU A 510 0.16 3.45 10.97
CA LEU A 510 -1.23 3.30 10.59
C LEU A 510 -1.55 1.81 10.53
N SER A 511 -2.80 1.45 10.83
CA SER A 511 -3.23 0.07 10.67
C SER A 511 -3.24 -0.29 9.20
N ILE A 512 -3.06 -1.59 8.95
CA ILE A 512 -3.14 -2.22 7.65
C ILE A 512 -4.50 -1.91 7.00
N ARG A 513 -5.52 -1.64 7.82
CA ARG A 513 -6.85 -1.29 7.32
C ARG A 513 -6.92 0.15 6.83
N GLU A 514 -5.94 1.00 7.18
CA GLU A 514 -5.94 2.38 6.75
C GLU A 514 -4.98 2.59 5.57
N THR A 515 -4.12 1.60 5.28
CA THR A 515 -3.06 1.78 4.30
C THR A 515 -3.61 1.63 2.89
N VAL A 516 -4.71 0.88 2.78
CA VAL A 516 -5.31 0.57 1.49
C VAL A 516 -6.65 1.28 1.38
N LEU A 517 -7.11 1.51 0.15
CA LEU A 517 -8.39 2.16 -0.08
C LEU A 517 -9.55 1.26 0.34
N PHE A 518 -9.67 0.09 -0.28
CA PHE A 518 -10.85 -0.76 -0.09
C PHE A 518 -10.38 -2.15 0.29
N PRO A 519 -10.43 -2.48 1.59
CA PRO A 519 -10.28 -3.86 2.07
C PRO A 519 -11.58 -4.48 2.57
N ILE A 520 -11.57 -5.81 2.79
CA ILE A 520 -12.53 -6.50 3.65
C ILE A 520 -12.09 -7.96 3.81
N LYS B . 9.03 -14.99 -3.02
CA LYS B . 9.41 -14.27 -1.78
C LYS B . 8.23 -14.20 -0.79
O LYS B . 8.47 -13.77 0.35
CB LYS B . 9.91 -12.87 -2.14
CG LYS B . 11.21 -12.85 -2.93
CD LYS B . 12.39 -13.43 -2.17
CE LYS B . 13.67 -13.30 -2.93
NZ LYS B . 13.78 -14.31 -3.98
OXT LYS B . 7.11 -14.60 -1.20
C1 A1I62 C . -0.44 -6.15 4.27
C2 A1I62 C . -0.52 -7.61 4.59
O1 A1I62 C . 0.71 -8.18 4.14
C3 A1I62 C . 0.84 -9.51 4.09
N1 A1I62 C . -0.19 -10.33 4.23
C4 A1I62 C . 0.07 -11.66 4.16
N2 A1I62 C . 1.30 -12.21 3.98
C5 A1I62 C . 2.33 -11.35 3.85
C6 A1I62 C . 2.12 -10.01 3.92
C7 A1I62 C . 3.41 -9.33 3.72
O2 A1I62 C . 3.65 -8.13 3.76
N3 A1I62 C . 4.32 -10.31 3.44
C8 A1I62 C . 3.78 -11.65 3.64
C9 A1I62 C . 5.69 -10.01 2.99
C10 A1I62 C . 6.12 -10.89 1.84
C11 A1I62 C . 7.55 -10.57 1.41
C12 A1I62 C . 8.52 -10.63 2.58
C13 A1I62 C . 8.05 -9.75 3.71
C14 A1I62 C . 6.65 -10.15 4.15
O3 A1I62 C . 6.66 -11.53 4.59
N4 A1I62 C . -0.97 -12.49 4.29
#